data_4JMG
#
_entry.id   4JMG
#
_cell.length_a   109.597
_cell.length_b   34.402
_cell.length_c   47.799
_cell.angle_alpha   90.00
_cell.angle_beta   105.22
_cell.angle_gamma   90.00
#
_symmetry.space_group_name_H-M   'C 1 2 1'
#
loop_
_entity.id
_entity.type
_entity.pdbx_description
1 polymer 'Clamp Ptpn11_pY580'
2 polymer 'Tyrosine-protein phosphatase non-receptor type 11'
3 non-polymer 'MAGNESIUM ION'
4 water water
#
loop_
_entity_poly.entity_id
_entity_poly.type
_entity_poly.pdbx_seq_one_letter_code
_entity_poly.pdbx_strand_id
1 'polypeptide(L)'
;GSVKFNSLNELVDYHRSTSVSRNQQIFLRDIGGSGGGHPWYKGKIPRAKAEEMLSKQRHDGAFLIRESESAPGDFSLSVK
FGNDVQHFKVLRDGAGKYFLWVGGSGGSVSSVPTKLEVVAATPTSLLISWDAWSGSDWPVSYYRITYGETGGNSPVQEFT
VPGSSYTATISGLSPGVDYTITVYAGYDGKYYYQSPISINYRT
;
A
2 'polypeptide(L)' DSARV(PTR)ENVGLMQ B
#
# COMPACT_ATOMS: atom_id res chain seq x y z
N VAL A 3 11.35 2.87 -5.36
CA VAL A 3 12.69 3.10 -4.82
C VAL A 3 12.74 2.86 -3.31
N LYS A 4 13.93 2.61 -2.78
CA LYS A 4 14.12 2.45 -1.33
C LYS A 4 15.21 3.39 -0.81
N PHE A 5 15.22 3.59 0.50
CA PHE A 5 16.05 4.61 1.11
C PHE A 5 16.81 4.08 2.32
N ASN A 6 18.06 4.49 2.49
CA ASN A 6 18.85 4.03 3.62
C ASN A 6 18.58 4.79 4.91
N SER A 7 17.88 5.92 4.79
CA SER A 7 17.62 6.78 5.94
C SER A 7 16.35 7.60 5.71
N LEU A 8 15.77 8.15 6.77
CA LEU A 8 14.61 9.03 6.61
C LEU A 8 14.98 10.25 5.79
N ASN A 9 16.19 10.79 5.99
CA ASN A 9 16.61 11.96 5.22
C ASN A 9 16.68 11.70 3.72
N GLU A 10 17.16 10.52 3.34
CA GLU A 10 17.20 10.10 1.93
C GLU A 10 15.79 10.09 1.35
N LEU A 11 14.84 9.52 2.11
CA LEU A 11 13.44 9.51 1.70
C LEU A 11 12.93 10.94 1.51
N VAL A 12 13.18 11.79 2.49
CA VAL A 12 12.72 13.16 2.46
C VAL A 12 13.29 13.91 1.26
N ASP A 13 14.60 13.82 1.06
CA ASP A 13 15.22 14.62 0.01
C ASP A 13 14.76 14.16 -1.37
N TYR A 14 14.56 12.86 -1.53
CA TYR A 14 14.04 12.32 -2.79
C TYR A 14 12.69 12.94 -3.09
N HIS A 15 11.86 13.03 -2.07
CA HIS A 15 10.50 13.51 -2.25
C HIS A 15 10.34 15.02 -2.18
N ARG A 16 11.46 15.73 -2.06
CA ARG A 16 11.46 17.16 -2.33
C ARG A 16 11.39 17.40 -3.85
N SER A 17 11.74 16.39 -4.65
CA SER A 17 11.79 16.58 -6.10
CA SER A 17 11.84 16.53 -6.10
C SER A 17 10.91 15.60 -6.88
N THR A 18 10.38 14.58 -6.22
CA THR A 18 9.50 13.59 -6.83
C THR A 18 8.27 13.50 -5.94
N SER A 19 7.08 13.48 -6.53
CA SER A 19 5.85 13.56 -5.73
C SER A 19 5.75 12.40 -4.75
N VAL A 20 5.33 12.72 -3.52
CA VAL A 20 5.06 11.69 -2.51
CA VAL A 20 5.10 11.69 -2.53
C VAL A 20 3.75 10.98 -2.78
N SER A 21 2.88 11.63 -3.54
CA SER A 21 1.52 11.15 -3.77
C SER A 21 1.32 10.63 -5.19
N ARG A 22 0.51 9.58 -5.31
CA ARG A 22 0.13 9.04 -6.62
C ARG A 22 -1.10 9.77 -7.18
N ASN A 23 -1.70 10.62 -6.36
CA ASN A 23 -2.98 11.25 -6.70
C ASN A 23 -2.90 12.73 -7.06
N GLN A 24 -1.90 13.40 -6.50
CA GLN A 24 -1.65 14.82 -6.70
C GLN A 24 -0.15 15.04 -6.75
N GLN A 25 0.26 16.19 -7.26
CA GLN A 25 1.68 16.53 -7.28
C GLN A 25 2.03 17.21 -5.97
N ILE A 26 2.63 16.45 -5.06
CA ILE A 26 2.96 16.97 -3.73
C ILE A 26 4.46 16.79 -3.49
N PHE A 27 5.17 17.90 -3.38
CA PHE A 27 6.62 17.89 -3.14
C PHE A 27 6.92 18.44 -1.77
N LEU A 28 7.75 17.74 -1.01
CA LEU A 28 8.03 18.10 0.38
C LEU A 28 8.79 19.41 0.54
N ARG A 29 8.33 20.23 1.47
CA ARG A 29 9.11 21.40 1.85
C ARG A 29 9.02 21.67 3.35
N ASP A 30 10.08 22.22 3.91
CA ASP A 30 10.16 22.43 5.35
C ASP A 30 9.09 23.38 5.86
N ILE A 31 8.56 23.10 7.05
CA ILE A 31 7.59 23.97 7.68
C ILE A 31 8.25 25.26 8.13
N GLY A 32 7.44 26.31 8.28
CA GLY A 32 7.91 27.57 8.82
C GLY A 32 7.44 27.73 10.25
N GLY A 37 14.81 23.67 17.13
CA GLY A 37 14.36 22.31 16.87
C GLY A 37 14.71 21.83 15.48
N HIS A 38 14.66 20.52 15.28
CA HIS A 38 14.87 19.93 13.97
C HIS A 38 13.77 20.41 13.03
N PRO A 39 14.12 20.73 11.78
CA PRO A 39 13.12 21.34 10.90
C PRO A 39 12.02 20.38 10.44
N TRP A 40 12.25 19.06 10.46
CA TRP A 40 11.21 18.17 9.98
C TRP A 40 10.95 16.92 10.82
N TYR A 41 11.90 16.52 11.66
CA TYR A 41 11.68 15.34 12.51
C TYR A 41 11.14 15.80 13.84
N LYS A 42 9.93 15.40 14.17
CA LYS A 42 9.25 15.90 15.36
C LYS A 42 8.97 14.84 16.44
N GLY A 43 9.72 13.75 16.41
CA GLY A 43 9.64 12.74 17.45
C GLY A 43 8.25 12.14 17.55
N LYS A 44 7.84 11.85 18.79
CA LYS A 44 6.56 11.19 19.04
C LYS A 44 5.42 12.20 19.14
N ILE A 45 5.36 13.12 18.20
CA ILE A 45 4.25 14.05 18.12
C ILE A 45 2.96 13.30 17.73
N PRO A 46 1.88 13.49 18.50
CA PRO A 46 0.62 12.80 18.15
C PRO A 46 0.11 13.18 16.76
N ARG A 47 -0.48 12.21 16.06
CA ARG A 47 -1.03 12.42 14.73
C ARG A 47 -1.93 13.65 14.68
N ALA A 48 -2.80 13.81 15.66
CA ALA A 48 -3.73 14.95 15.66
C ALA A 48 -3.01 16.28 15.84
N LYS A 49 -1.94 16.31 16.62
CA LYS A 49 -1.18 17.54 16.81
C LYS A 49 -0.39 17.86 15.54
N ALA A 50 0.12 16.84 14.88
CA ALA A 50 0.78 17.02 13.59
C ALA A 50 -0.18 17.64 12.58
N GLU A 51 -1.42 17.14 12.54
CA GLU A 51 -2.43 17.71 11.64
C GLU A 51 -2.68 19.17 11.92
N GLU A 52 -2.80 19.53 13.20
CA GLU A 52 -3.03 20.93 13.56
C GLU A 52 -1.89 21.82 13.13
N MET A 53 -0.66 21.39 13.42
N MET A 53 -0.67 21.37 13.40
CA MET A 53 0.53 22.15 13.03
CA MET A 53 0.54 22.12 13.05
C MET A 53 0.60 22.36 11.53
C MET A 53 0.66 22.33 11.54
N LEU A 54 0.40 21.28 10.77
CA LEU A 54 0.55 21.33 9.33
C LEU A 54 -0.56 22.15 8.67
N SER A 55 -1.73 22.17 9.28
CA SER A 55 -2.84 22.98 8.75
C SER A 55 -2.54 24.48 8.86
N LYS A 56 -1.58 24.84 9.72
CA LYS A 56 -1.20 26.24 9.90
C LYS A 56 0.03 26.62 9.10
N GLN A 57 0.32 25.83 8.07
CA GLN A 57 1.41 26.15 7.16
C GLN A 57 0.85 26.73 5.86
N ARG A 58 1.61 27.62 5.22
CA ARG A 58 1.15 28.24 3.97
C ARG A 58 1.19 27.28 2.78
N HIS A 59 2.26 26.49 2.69
CA HIS A 59 2.53 25.77 1.45
C HIS A 59 2.10 24.31 1.45
N ASP A 60 1.45 23.90 0.37
CA ASP A 60 1.21 22.49 0.09
C ASP A 60 2.57 21.81 0.06
N GLY A 61 2.66 20.62 0.65
CA GLY A 61 3.95 19.95 0.75
C GLY A 61 4.66 20.18 2.07
N ALA A 62 4.21 21.15 2.87
CA ALA A 62 4.73 21.33 4.22
C ALA A 62 4.58 20.00 4.95
N PHE A 63 5.63 19.55 5.64
CA PHE A 63 5.59 18.18 6.17
C PHE A 63 6.39 18.01 7.45
N LEU A 64 6.14 16.90 8.10
CA LEU A 64 7.02 16.41 9.16
C LEU A 64 7.05 14.90 9.13
N ILE A 65 8.09 14.34 9.75
CA ILE A 65 8.11 12.92 10.07
C ILE A 65 8.01 12.74 11.57
N ARG A 66 7.22 11.75 11.98
CA ARG A 66 6.98 11.45 13.38
C ARG A 66 7.12 9.97 13.66
N GLU A 67 7.46 9.64 14.89
CA GLU A 67 7.41 8.27 15.36
C GLU A 67 5.96 7.97 15.67
N SER A 68 5.43 6.92 15.04
CA SER A 68 4.03 6.55 15.20
C SER A 68 3.71 6.07 16.62
N GLU A 69 2.51 6.39 17.11
CA GLU A 69 2.04 5.82 18.37
C GLU A 69 1.39 4.46 18.12
N SER A 70 0.64 4.33 17.03
CA SER A 70 -0.10 3.10 16.73
C SER A 70 0.83 1.98 16.25
N ALA A 71 1.96 2.37 15.68
CA ALA A 71 2.99 1.44 15.22
C ALA A 71 4.30 1.80 15.92
N PRO A 72 4.45 1.36 17.18
CA PRO A 72 5.60 1.82 17.97
C PRO A 72 6.93 1.39 17.34
N GLY A 73 7.91 2.30 17.37
CA GLY A 73 9.20 2.03 16.76
C GLY A 73 9.22 2.27 15.25
N ASP A 74 8.07 2.67 14.68
CA ASP A 74 7.99 2.96 13.26
C ASP A 74 7.58 4.41 13.00
N PHE A 75 7.61 4.83 11.74
CA PHE A 75 7.48 6.24 11.40
C PHE A 75 6.37 6.52 10.43
N SER A 76 5.89 7.76 10.47
CA SER A 76 4.83 8.23 9.59
C SER A 76 5.23 9.60 9.06
N LEU A 77 4.87 9.85 7.80
CA LEU A 77 5.10 11.12 7.16
C LEU A 77 3.76 11.82 7.05
N SER A 78 3.69 13.06 7.50
CA SER A 78 2.46 13.85 7.48
C SER A 78 2.70 15.09 6.64
N VAL A 79 1.78 15.38 5.73
CA VAL A 79 1.98 16.45 4.77
CA VAL A 79 1.97 16.38 4.69
C VAL A 79 0.72 17.23 4.46
N LYS A 80 0.87 18.57 4.45
CA LYS A 80 -0.25 19.44 4.09
C LYS A 80 -0.58 19.37 2.60
N PHE A 81 -1.86 19.22 2.28
CA PHE A 81 -2.33 19.45 0.92
C PHE A 81 -3.71 20.10 0.96
N GLY A 82 -3.76 21.38 0.62
CA GLY A 82 -5.00 22.14 0.71
C GLY A 82 -5.51 22.13 2.14
N ASN A 83 -6.83 22.04 2.29
CA ASN A 83 -7.45 21.97 3.61
C ASN A 83 -7.53 20.54 4.13
N ASP A 84 -6.43 19.81 3.95
CA ASP A 84 -6.35 18.43 4.42
C ASP A 84 -4.90 18.17 4.78
N VAL A 85 -4.69 17.11 5.55
CA VAL A 85 -3.34 16.64 5.84
C VAL A 85 -3.33 15.16 5.50
N GLN A 86 -2.36 14.75 4.69
CA GLN A 86 -2.25 13.37 4.27
C GLN A 86 -1.14 12.68 5.06
N HIS A 87 -1.33 11.40 5.34
CA HIS A 87 -0.35 10.62 6.09
C HIS A 87 0.12 9.45 5.26
N PHE A 88 1.43 9.17 5.33
CA PHE A 88 2.05 8.07 4.62
C PHE A 88 2.81 7.23 5.63
N LYS A 89 2.57 5.93 5.64
CA LYS A 89 3.24 5.04 6.56
C LYS A 89 4.62 4.69 6.01
N VAL A 90 5.65 4.89 6.81
CA VAL A 90 7.00 4.52 6.39
C VAL A 90 7.21 3.03 6.62
N LEU A 91 7.47 2.33 5.51
CA LEU A 91 7.57 0.88 5.53
C LEU A 91 9.03 0.45 5.57
N ARG A 92 9.29 -0.75 6.10
CA ARG A 92 10.64 -1.29 6.16
C ARG A 92 10.72 -2.58 5.34
N ASP A 93 11.81 -2.78 4.62
CA ASP A 93 12.03 -4.06 3.94
C ASP A 93 12.76 -5.04 4.86
N GLY A 94 13.18 -6.17 4.31
CA GLY A 94 13.86 -7.18 5.11
C GLY A 94 15.18 -6.73 5.73
N ALA A 95 15.78 -5.68 5.16
CA ALA A 95 17.10 -5.23 5.60
C ALA A 95 17.07 -3.82 6.21
N GLY A 96 15.90 -3.41 6.69
CA GLY A 96 15.80 -2.16 7.42
C GLY A 96 15.70 -0.90 6.57
N LYS A 97 15.84 -1.04 5.24
CA LYS A 97 15.65 0.09 4.34
C LYS A 97 14.22 0.57 4.44
N TYR A 98 14.01 1.86 4.21
CA TYR A 98 12.69 2.47 4.27
C TYR A 98 12.13 2.67 2.87
N PHE A 99 10.80 2.60 2.75
CA PHE A 99 10.13 2.92 1.49
C PHE A 99 8.70 3.31 1.76
N LEU A 100 8.06 3.89 0.76
CA LEU A 100 6.65 4.25 0.83
C LEU A 100 5.80 3.46 -0.15
N TRP A 101 6.34 3.17 -1.33
CA TRP A 101 5.55 2.61 -2.42
C TRP A 101 6.24 1.42 -3.04
N VAL A 102 5.46 0.43 -3.44
CA VAL A 102 5.96 -0.80 -4.05
C VAL A 102 6.13 -0.62 -5.55
N GLY A 103 7.17 -1.23 -6.11
CA GLY A 103 7.44 -1.16 -7.54
C GLY A 103 7.09 -2.45 -8.27
N GLY A 104 7.83 -2.71 -9.34
CA GLY A 104 7.49 -3.79 -10.26
C GLY A 104 7.38 -3.16 -11.62
N SER A 105 8.16 -3.66 -12.57
CA SER A 105 8.28 -3.01 -13.88
C SER A 105 7.41 -3.64 -14.96
N GLY A 106 6.51 -4.53 -14.55
CA GLY A 106 5.59 -5.18 -15.47
C GLY A 106 4.18 -5.18 -14.92
N GLY A 107 3.27 -5.87 -15.59
CA GLY A 107 1.89 -5.97 -15.15
C GLY A 107 1.18 -4.63 -15.07
N SER A 108 0.23 -4.53 -14.15
CA SER A 108 -0.57 -3.32 -13.98
C SER A 108 0.11 -2.33 -13.04
N VAL A 109 0.26 -1.09 -13.49
CA VAL A 109 0.92 -0.06 -12.70
C VAL A 109 0.19 0.16 -11.37
N SER A 110 0.97 0.43 -10.33
CA SER A 110 0.44 0.73 -8.99
C SER A 110 -0.36 -0.39 -8.31
N SER A 111 -0.27 -1.62 -8.84
CA SER A 111 -0.97 -2.75 -8.26
C SER A 111 0.03 -3.66 -7.57
N VAL A 112 -0.35 -4.19 -6.42
CA VAL A 112 0.48 -5.16 -5.70
C VAL A 112 -0.37 -6.38 -5.31
N PRO A 113 0.00 -7.58 -5.80
CA PRO A 113 1.02 -7.83 -6.83
C PRO A 113 0.65 -7.18 -8.18
N THR A 114 1.59 -7.12 -9.11
CA THR A 114 1.37 -6.40 -10.36
C THR A 114 0.61 -7.25 -11.38
N LYS A 115 0.54 -8.55 -11.13
CA LYS A 115 -0.04 -9.50 -12.07
C LYS A 115 -1.09 -10.35 -11.37
N LEU A 116 -2.17 -10.68 -12.08
CA LEU A 116 -3.13 -11.64 -11.58
C LEU A 116 -3.73 -12.32 -12.78
N GLU A 117 -3.35 -13.58 -12.99
CA GLU A 117 -3.77 -14.33 -14.15
C GLU A 117 -4.37 -15.64 -13.71
N VAL A 118 -5.39 -16.09 -14.44
CA VAL A 118 -5.95 -17.42 -14.24
C VAL A 118 -5.13 -18.37 -15.10
N VAL A 119 -4.17 -19.07 -14.50
CA VAL A 119 -3.21 -19.84 -15.29
C VAL A 119 -3.68 -21.25 -15.59
N ALA A 120 -4.73 -21.67 -14.88
CA ALA A 120 -5.34 -22.97 -15.12
C ALA A 120 -6.78 -22.92 -14.65
N ALA A 121 -7.67 -23.65 -15.31
CA ALA A 121 -9.06 -23.70 -14.89
C ALA A 121 -9.72 -25.02 -15.26
N THR A 122 -10.64 -25.47 -14.41
CA THR A 122 -11.56 -26.55 -14.72
C THR A 122 -12.94 -25.89 -14.80
N PRO A 123 -14.00 -26.66 -15.13
CA PRO A 123 -15.30 -25.99 -15.17
C PRO A 123 -15.75 -25.39 -13.82
N THR A 124 -15.19 -25.87 -12.71
CA THR A 124 -15.64 -25.45 -11.37
C THR A 124 -14.52 -24.89 -10.47
N SER A 125 -13.30 -24.79 -11.00
CA SER A 125 -12.20 -24.33 -10.16
C SER A 125 -11.16 -23.61 -10.99
N LEU A 126 -10.24 -22.92 -10.32
CA LEU A 126 -9.16 -22.28 -11.04
C LEU A 126 -7.96 -22.06 -10.16
N LEU A 127 -6.84 -21.82 -10.80
CA LEU A 127 -5.62 -21.44 -10.11
C LEU A 127 -5.28 -20.04 -10.58
N ILE A 128 -5.18 -19.11 -9.63
CA ILE A 128 -4.72 -17.77 -9.95
C ILE A 128 -3.24 -17.69 -9.59
N SER A 129 -2.52 -16.84 -10.33
CA SER A 129 -1.08 -16.72 -10.14
C SER A 129 -0.63 -15.29 -10.29
N TRP A 130 0.30 -14.92 -9.42
CA TRP A 130 0.95 -13.61 -9.44
C TRP A 130 2.46 -13.85 -9.44
N ASP A 131 2.85 -15.03 -9.90
CA ASP A 131 4.24 -15.46 -10.02
C ASP A 131 5.12 -14.50 -10.82
N ALA A 132 4.55 -13.97 -11.90
CA ALA A 132 5.29 -13.13 -12.82
C ALA A 132 5.46 -11.70 -12.29
N TRP A 133 4.98 -11.45 -11.07
CA TRP A 133 5.27 -10.19 -10.40
C TRP A 133 6.72 -10.19 -9.97
N SER A 134 7.44 -9.11 -10.28
CA SER A 134 8.83 -8.96 -9.88
C SER A 134 8.89 -8.33 -8.49
N GLY A 135 8.51 -9.10 -7.47
CA GLY A 135 8.37 -8.54 -6.14
C GLY A 135 9.22 -9.11 -5.01
N SER A 136 10.39 -9.65 -5.35
CA SER A 136 11.28 -10.20 -4.32
C SER A 136 11.87 -9.09 -3.42
N ASP A 137 11.87 -7.86 -3.92
CA ASP A 137 12.39 -6.73 -3.17
C ASP A 137 11.33 -6.15 -2.23
N TRP A 138 10.12 -6.64 -2.35
CA TRP A 138 8.98 -6.11 -1.60
C TRP A 138 8.33 -7.19 -0.75
N PRO A 139 8.78 -7.33 0.50
CA PRO A 139 8.35 -8.45 1.34
C PRO A 139 6.85 -8.43 1.68
N VAL A 140 6.18 -9.55 1.49
CA VAL A 140 4.76 -9.65 1.79
C VAL A 140 4.59 -10.53 3.01
N SER A 141 3.77 -10.08 3.97
CA SER A 141 3.49 -10.88 5.16
C SER A 141 2.62 -12.07 4.77
N TYR A 142 1.42 -11.79 4.29
CA TYR A 142 0.54 -12.80 3.71
C TYR A 142 -0.27 -12.15 2.61
N TYR A 143 -0.82 -12.98 1.74
CA TYR A 143 -1.77 -12.52 0.73
C TYR A 143 -3.18 -12.87 1.17
N ARG A 144 -4.11 -11.94 0.99
CA ARG A 144 -5.52 -12.20 1.26
CA ARG A 144 -5.52 -12.19 1.25
C ARG A 144 -6.23 -12.27 -0.08
N ILE A 145 -6.96 -13.35 -0.30
CA ILE A 145 -7.71 -13.57 -1.54
C ILE A 145 -9.19 -13.50 -1.22
N THR A 146 -9.94 -12.68 -1.93
CA THR A 146 -11.38 -12.66 -1.76
C THR A 146 -12.06 -12.98 -3.08
N TYR A 147 -13.21 -13.63 -3.00
CA TYR A 147 -13.98 -13.88 -4.20
C TYR A 147 -15.44 -14.00 -3.87
N GLY A 148 -16.27 -13.63 -4.84
CA GLY A 148 -17.70 -13.79 -4.69
C GLY A 148 -18.41 -13.46 -5.98
N GLU A 149 -19.66 -13.87 -6.08
CA GLU A 149 -20.51 -13.56 -7.23
C GLU A 149 -20.54 -12.06 -7.47
N THR A 150 -20.18 -11.65 -8.69
CA THR A 150 -20.16 -10.24 -9.05
C THR A 150 -21.55 -9.63 -8.88
N GLY A 151 -21.63 -8.54 -8.12
CA GLY A 151 -22.91 -7.92 -7.83
C GLY A 151 -23.79 -8.81 -6.98
N GLY A 152 -23.17 -9.57 -6.08
CA GLY A 152 -23.89 -10.51 -5.26
C GLY A 152 -24.45 -9.89 -4.00
N ASN A 153 -25.39 -10.59 -3.37
CA ASN A 153 -25.93 -10.14 -2.10
C ASN A 153 -24.97 -10.48 -0.96
N SER A 154 -24.61 -11.75 -0.88
CA SER A 154 -23.78 -12.28 0.19
C SER A 154 -22.40 -11.62 0.28
N PRO A 155 -21.78 -11.68 1.48
CA PRO A 155 -20.40 -11.23 1.67
C PRO A 155 -19.43 -12.08 0.87
N VAL A 156 -18.30 -11.52 0.47
CA VAL A 156 -17.31 -12.29 -0.26
C VAL A 156 -16.70 -13.38 0.61
N GLN A 157 -16.28 -14.46 -0.04
CA GLN A 157 -15.50 -15.51 0.60
C GLN A 157 -14.08 -15.00 0.67
N GLU A 158 -13.33 -15.45 1.68
CA GLU A 158 -11.96 -15.00 1.83
C GLU A 158 -11.09 -16.09 2.41
N PHE A 159 -9.82 -16.07 2.06
CA PHE A 159 -8.82 -16.91 2.67
C PHE A 159 -7.45 -16.26 2.49
N THR A 160 -6.46 -16.76 3.21
CA THR A 160 -5.14 -16.18 3.16
C THR A 160 -4.10 -17.24 2.88
N VAL A 161 -3.00 -16.83 2.28
CA VAL A 161 -1.85 -17.70 2.09
C VAL A 161 -0.58 -17.00 2.53
N PRO A 162 0.47 -17.77 2.87
CA PRO A 162 1.71 -17.13 3.32
C PRO A 162 2.35 -16.28 2.22
N GLY A 163 3.15 -15.31 2.67
CA GLY A 163 3.80 -14.38 1.76
C GLY A 163 4.78 -14.95 0.77
N SER A 164 5.19 -16.20 0.97
CA SER A 164 6.05 -16.87 0.00
C SER A 164 5.25 -17.39 -1.22
N SER A 165 3.93 -17.47 -1.09
CA SER A 165 3.10 -18.05 -2.14
C SER A 165 3.05 -17.17 -3.38
N TYR A 166 2.81 -17.77 -4.55
CA TYR A 166 2.57 -16.95 -5.73
C TYR A 166 1.38 -17.48 -6.53
N THR A 167 0.72 -18.48 -5.98
CA THR A 167 -0.52 -19.00 -6.58
C THR A 167 -1.57 -19.25 -5.51
N ALA A 168 -2.82 -19.35 -5.94
CA ALA A 168 -3.91 -19.72 -5.03
C ALA A 168 -4.99 -20.46 -5.78
N THR A 169 -5.56 -21.45 -5.10
CA THR A 169 -6.63 -22.29 -5.63
C THR A 169 -7.98 -21.69 -5.24
N ILE A 170 -8.90 -21.60 -6.18
CA ILE A 170 -10.29 -21.29 -5.85
C ILE A 170 -11.17 -22.41 -6.39
N SER A 171 -12.01 -22.98 -5.54
CA SER A 171 -12.77 -24.18 -5.91
C SER A 171 -14.26 -23.99 -5.65
N GLY A 172 -15.06 -24.91 -6.20
CA GLY A 172 -16.49 -24.91 -5.96
C GLY A 172 -17.24 -23.79 -6.65
N LEU A 173 -16.71 -23.34 -7.78
CA LEU A 173 -17.35 -22.29 -8.56
C LEU A 173 -18.40 -22.87 -9.49
N SER A 174 -19.47 -22.13 -9.72
CA SER A 174 -20.49 -22.60 -10.64
C SER A 174 -20.33 -21.95 -12.00
N PRO A 175 -20.37 -22.79 -13.04
CA PRO A 175 -20.19 -22.40 -14.44
C PRO A 175 -21.12 -21.25 -14.84
N GLY A 176 -20.61 -20.34 -15.67
CA GLY A 176 -21.43 -19.28 -16.21
C GLY A 176 -21.69 -18.11 -15.28
N VAL A 177 -21.25 -18.23 -14.02
CA VAL A 177 -21.43 -17.16 -13.05
C VAL A 177 -20.19 -16.27 -12.99
N ASP A 178 -20.38 -14.95 -13.06
CA ASP A 178 -19.24 -14.04 -12.96
C ASP A 178 -18.80 -13.89 -11.52
N TYR A 179 -17.49 -14.07 -11.29
CA TYR A 179 -16.92 -13.88 -9.96
C TYR A 179 -15.88 -12.76 -9.98
N THR A 180 -15.89 -11.96 -8.92
CA THR A 180 -14.88 -10.93 -8.74
C THR A 180 -13.85 -11.50 -7.78
N ILE A 181 -12.58 -11.47 -8.20
CA ILE A 181 -11.48 -12.04 -7.44
C ILE A 181 -10.46 -10.95 -7.16
N THR A 182 -10.09 -10.77 -5.89
CA THR A 182 -9.20 -9.71 -5.49
C THR A 182 -8.10 -10.27 -4.63
N VAL A 183 -6.87 -9.80 -4.85
CA VAL A 183 -5.72 -10.18 -4.06
C VAL A 183 -5.08 -8.95 -3.42
N TYR A 184 -4.93 -9.02 -2.09
CA TYR A 184 -4.33 -7.97 -1.28
C TYR A 184 -2.99 -8.48 -0.78
N ALA A 185 -1.94 -7.68 -0.91
CA ALA A 185 -0.60 -8.07 -0.46
C ALA A 185 -0.32 -7.40 0.87
N GLY A 186 -0.28 -8.20 1.93
CA GLY A 186 -0.02 -7.66 3.26
C GLY A 186 1.40 -7.17 3.44
N TYR A 187 1.52 -6.09 4.22
CA TYR A 187 2.81 -5.63 4.73
C TYR A 187 3.07 -6.23 6.11
N ASP A 188 2.09 -6.11 7.00
CA ASP A 188 2.21 -6.66 8.34
C ASP A 188 0.93 -7.44 8.64
N GLY A 189 0.41 -7.34 9.86
CA GLY A 189 -0.86 -7.97 10.17
C GLY A 189 -2.04 -7.03 10.16
N LYS A 190 -1.85 -5.81 9.68
CA LYS A 190 -2.91 -4.83 9.73
C LYS A 190 -3.12 -4.16 8.36
N TYR A 191 -2.04 -3.98 7.61
CA TYR A 191 -2.08 -3.15 6.41
C TYR A 191 -1.68 -3.94 5.16
N TYR A 192 -2.29 -3.59 4.02
CA TYR A 192 -1.84 -4.07 2.71
C TYR A 192 -1.26 -2.94 1.90
N TYR A 193 -0.36 -3.28 0.98
CA TYR A 193 0.21 -2.29 0.08
C TYR A 193 -0.84 -1.81 -0.93
N GLN A 194 -0.92 -0.51 -1.17
CA GLN A 194 -1.81 -0.02 -2.24
C GLN A 194 -1.17 -0.22 -3.62
N SER A 195 -1.93 -0.64 -4.64
CA SER A 195 -3.35 -0.98 -4.57
C SER A 195 -3.53 -2.47 -4.80
N PRO A 196 -4.61 -3.05 -4.28
CA PRO A 196 -4.88 -4.48 -4.56
C PRO A 196 -5.13 -4.70 -6.04
N ILE A 197 -4.96 -5.94 -6.49
CA ILE A 197 -5.25 -6.29 -7.88
C ILE A 197 -6.54 -7.14 -7.96
N SER A 198 -7.33 -6.93 -8.99
CA SER A 198 -8.65 -7.54 -9.07
C SER A 198 -9.06 -7.86 -10.50
N ILE A 199 -9.66 -9.04 -10.67
CA ILE A 199 -10.18 -9.48 -11.96
C ILE A 199 -11.62 -9.96 -11.81
N ASN A 200 -12.31 -10.06 -12.93
CA ASN A 200 -13.59 -10.75 -12.99
C ASN A 200 -13.47 -11.92 -13.94
N TYR A 201 -13.97 -13.07 -13.52
CA TYR A 201 -13.79 -14.29 -14.30
C TYR A 201 -15.03 -15.17 -14.24
N ARG A 202 -15.30 -15.85 -15.34
CA ARG A 202 -16.42 -16.74 -15.48
C ARG A 202 -15.83 -18.06 -15.95
N THR A 203 -15.96 -19.11 -15.15
CA THR A 203 -15.46 -20.42 -15.57
C THR A 203 -16.44 -21.05 -16.53
N VAL B 5 -6.78 5.97 6.35
CA VAL B 5 -5.89 6.31 7.46
C VAL B 5 -4.54 6.78 6.91
N GLU B 7 -2.24 7.03 3.01
CA GLU B 7 -2.42 7.04 1.56
C GLU B 7 -1.84 5.82 0.84
N ASN B 8 -0.77 5.25 1.39
CA ASN B 8 0.02 4.24 0.68
C ASN B 8 -0.25 2.80 1.09
N VAL B 9 -1.08 2.63 2.12
CA VAL B 9 -1.48 1.30 2.59
C VAL B 9 -2.98 1.30 2.89
N GLY B 10 -3.61 0.13 2.84
CA GLY B 10 -5.01 0.02 3.21
C GLY B 10 -5.17 -0.92 4.41
N LEU B 11 -6.32 -0.85 5.07
CA LEU B 11 -6.59 -1.69 6.23
C LEU B 11 -7.11 -3.04 5.78
N MET B 12 -6.43 -4.11 6.18
CA MET B 12 -6.91 -5.47 5.89
C MET B 12 -8.26 -5.70 6.57
#